data_9KGH
#
_entry.id   9KGH
#
_cell.length_a   1.00
_cell.length_b   1.00
_cell.length_c   1.00
_cell.angle_alpha   90.00
_cell.angle_beta   90.00
_cell.angle_gamma   90.00
#
_symmetry.space_group_name_H-M   'P 1'
#
loop_
_entity.id
_entity.type
_entity.pdbx_description
1 polymer 'RNA (264-MER)'
2 non-polymer 'MAGNESIUM ION'
#
_entity_poly.entity_id   1
_entity_poly.type   'polyribonucleotide'
_entity_poly.pdbx_seq_one_letter_code
;AAUUGAGGCCUGAGUAUAAGGUGACUUAUACUUGUAAUCUAUCUAAACGGGGAACCUCUCUAGUAGACAAUCCCGUGCUA
AAUUGUAGGACUGCCCGGGUUCUACAUAAAUGCCUAACGACUAUCCCUUUGGGGAGUAGGGUCAAGUGACUCGAAACGAU
AGACAACUUGCUUUAACAAGUUGGAGAUAUAGUCUGCUCUGCAUGGUGACAUGCAGCUGGAUAUAAUUCCGGGGUAAGAU
UAACGACCUUAUCUGAACAUAAUG
;
_entity_poly.pdbx_strand_id   U
#
loop_
_chem_comp.id
_chem_comp.type
_chem_comp.name
_chem_comp.formula
A RNA linking ADENOSINE-5'-MONOPHOSPHATE 'C10 H14 N5 O7 P'
C RNA linking CYTIDINE-5'-MONOPHOSPHATE 'C9 H14 N3 O8 P'
G RNA linking GUANOSINE-5'-MONOPHOSPHATE 'C10 H14 N5 O8 P'
MG non-polymer 'MAGNESIUM ION' 'Mg 2'
U RNA linking URIDINE-5'-MONOPHOSPHATE 'C9 H13 N2 O9 P'
#
# COMPACT_ATOMS: atom_id res chain seq x y z
MG MG B . -2.18 0.99 -2.92
MG MG C . -1.62 -2.74 -0.16
MG MG D . 3.80 1.75 3.08
#